data_5K0I
#
_entry.id   5K0I
#
_cell.length_a   77.444
_cell.length_b   77.444
_cell.length_c   123.565
_cell.angle_alpha   90.00
_cell.angle_beta   90.00
_cell.angle_gamma   120.00
#
_symmetry.space_group_name_H-M   'H 3'
#
loop_
_entity.id
_entity.type
_entity.pdbx_description
1 polymer 'Prostaglandin E synthase'
2 non-polymer 1,5-anhydro-2,3,4-trideoxy-3-{[(4S)-3,3-dimethyl-1-(8-methylquinolin-2-yl)piperidine-4-carbonyl]amino}-D-erythro-hexitol
3 non-polymer GLUTATHIONE
4 non-polymer 'octyl beta-D-glucopyranoside'
5 non-polymer 'TETRAETHYLENE GLYCOL'
6 water water
#
_entity_poly.entity_id   1
_entity_poly.type   'polypeptide(L)'
_entity_poly.pdbx_seq_one_letter_code
;MALPAHSLVMSSPALPAFLLCSTLLVIKMYVVAIITGQVRLRKKAFANPEDALRHGGPQY(CSO)RSDPDVERCLRAHRN
DMETIYPFLFLGFVYSFLGPNPFVAWMHFLVFLVGRVAHTVAYLGKLRAPIRSVTYTLAQLPCASMALQILWEAARHL
;
_entity_poly.pdbx_strand_id   A
#
loop_
_chem_comp.id
_chem_comp.type
_chem_comp.name
_chem_comp.formula
6PW non-polymer 1,5-anhydro-2,3,4-trideoxy-3-{[(4S)-3,3-dimethyl-1-(8-methylquinolin-2-yl)piperidine-4-carbonyl]amino}-D-erythro-hexitol 'C24 H33 N3 O3'
BOG D-saccharide 'octyl beta-D-glucopyranoside' 'C14 H28 O6'
GSH non-polymer GLUTATHIONE 'C10 H17 N3 O6 S'
PG4 non-polymer 'TETRAETHYLENE GLYCOL' 'C8 H18 O5'
#
# COMPACT_ATOMS: atom_id res chain seq x y z
N SER A 7 2.02 -6.43 -26.95
CA SER A 7 1.33 -6.49 -25.63
C SER A 7 0.70 -5.15 -25.26
N LEU A 8 -0.40 -5.21 -24.51
CA LEU A 8 -1.15 -4.02 -24.11
C LEU A 8 -0.53 -3.28 -22.91
N VAL A 9 0.57 -3.83 -22.38
CA VAL A 9 1.35 -3.19 -21.32
C VAL A 9 2.03 -1.91 -21.86
N MET A 10 2.19 -1.83 -23.18
CA MET A 10 2.79 -0.66 -23.82
C MET A 10 1.77 0.35 -24.35
N SER A 11 0.57 0.33 -23.79
CA SER A 11 -0.49 1.28 -24.13
C SER A 11 -0.06 2.73 -23.83
N SER A 12 0.87 2.86 -22.89
CA SER A 12 1.48 4.16 -22.56
CA SER A 12 1.48 4.16 -22.54
C SER A 12 2.89 3.93 -21.99
N PRO A 13 3.82 4.88 -22.24
CA PRO A 13 5.21 4.68 -21.79
C PRO A 13 5.38 4.46 -20.27
N ALA A 14 4.49 5.03 -19.47
CA ALA A 14 4.60 4.93 -18.00
C ALA A 14 3.96 3.65 -17.44
N LEU A 15 3.17 2.98 -18.26
CA LEU A 15 2.38 1.86 -17.77
C LEU A 15 3.19 0.68 -17.21
N PRO A 16 4.26 0.23 -17.90
CA PRO A 16 5.02 -0.88 -17.33
C PRO A 16 5.55 -0.58 -15.92
N ALA A 17 6.09 0.62 -15.72
CA ALA A 17 6.59 1.01 -14.41
C ALA A 17 5.47 1.02 -13.37
N PHE A 18 4.31 1.56 -13.76
CA PHE A 18 3.17 1.58 -12.84
C PHE A 18 2.76 0.15 -12.45
N LEU A 19 2.65 -0.73 -13.44
CA LEU A 19 2.21 -2.11 -13.19
C LEU A 19 3.21 -2.88 -12.32
N LEU A 20 4.51 -2.62 -12.51
CA LEU A 20 5.54 -3.25 -11.70
C LEU A 20 5.41 -2.81 -10.25
N CYS A 21 5.35 -1.50 -10.03
CA CYS A 21 5.28 -0.97 -8.67
C CYS A 21 4.00 -1.39 -7.96
N SER A 22 2.89 -1.32 -8.67
N SER A 22 2.89 -1.31 -8.67
CA SER A 22 1.59 -1.65 -8.09
CA SER A 22 1.59 -1.69 -8.10
C SER A 22 1.46 -3.13 -7.73
C SER A 22 1.57 -3.13 -7.66
N THR A 23 2.00 -4.01 -8.56
CA THR A 23 1.95 -5.44 -8.30
C THR A 23 2.87 -5.81 -7.14
N LEU A 24 4.04 -5.17 -7.07
CA LEU A 24 4.92 -5.36 -5.92
C LEU A 24 4.24 -4.93 -4.61
N LEU A 25 3.48 -3.83 -4.68
CA LEU A 25 2.77 -3.35 -3.49
C LEU A 25 1.63 -4.28 -3.09
N VAL A 26 0.92 -4.85 -4.06
CA VAL A 26 -0.09 -5.87 -3.75
C VAL A 26 0.57 -7.08 -3.07
N ILE A 27 1.70 -7.53 -3.61
CA ILE A 27 2.43 -8.63 -3.00
C ILE A 27 2.88 -8.27 -1.57
N LYS A 28 3.31 -7.03 -1.37
CA LYS A 28 3.69 -6.53 -0.05
C LYS A 28 2.51 -6.55 0.95
N MET A 29 1.30 -6.30 0.46
N MET A 29 1.30 -6.30 0.46
CA MET A 29 0.10 -6.43 1.30
CA MET A 29 0.11 -6.43 1.32
C MET A 29 -0.16 -7.89 1.65
C MET A 29 -0.15 -7.90 1.66
N TYR A 30 0.01 -8.78 0.68
CA TYR A 30 -0.12 -10.23 0.91
C TYR A 30 0.89 -10.69 1.97
N VAL A 31 2.11 -10.16 1.93
CA VAL A 31 3.13 -10.47 2.94
C VAL A 31 2.63 -10.07 4.33
N VAL A 32 2.02 -8.90 4.46
CA VAL A 32 1.45 -8.50 5.74
C VAL A 32 0.34 -9.46 6.20
N ALA A 33 -0.52 -9.89 5.28
CA ALA A 33 -1.56 -10.88 5.64
C ALA A 33 -0.95 -12.18 6.16
N ILE A 34 0.10 -12.65 5.50
CA ILE A 34 0.78 -13.89 5.91
C ILE A 34 1.47 -13.73 7.27
N ILE A 35 2.17 -12.61 7.45
CA ILE A 35 2.79 -12.30 8.75
C ILE A 35 1.73 -12.27 9.86
N THR A 36 0.59 -11.63 9.59
CA THR A 36 -0.49 -11.56 10.59
C THR A 36 -0.90 -12.96 11.03
N GLY A 37 -1.10 -13.86 10.08
CA GLY A 37 -1.44 -15.25 10.38
C GLY A 37 -0.39 -15.94 11.23
N GLN A 38 0.88 -15.73 10.90
CA GLN A 38 2.00 -16.30 11.66
C GLN A 38 2.02 -15.79 13.10
N VAL A 39 1.77 -14.49 13.28
CA VAL A 39 1.72 -13.91 14.61
C VAL A 39 0.54 -14.49 15.42
N ARG A 40 -0.62 -14.63 14.78
CA ARG A 40 -1.77 -15.25 15.45
C ARG A 40 -1.43 -16.65 15.96
N LEU A 41 -0.78 -17.44 15.11
CA LEU A 41 -0.38 -18.81 15.47
C LEU A 41 0.65 -18.83 16.59
N ARG A 42 1.70 -18.03 16.44
CA ARG A 42 2.82 -18.04 17.38
C ARG A 42 2.42 -17.52 18.77
N LYS A 43 1.57 -16.50 18.79
CA LYS A 43 1.11 -15.90 20.04
C LYS A 43 -0.22 -16.51 20.51
N LYS A 44 -0.75 -17.46 19.75
CA LYS A 44 -2.03 -18.10 20.03
C LYS A 44 -3.11 -17.06 20.33
N ALA A 45 -3.31 -16.16 19.36
CA ALA A 45 -4.29 -15.08 19.50
C ALA A 45 -5.16 -15.07 18.26
N PHE A 46 -6.29 -15.77 18.36
CA PHE A 46 -7.20 -15.97 17.25
C PHE A 46 -8.42 -15.08 17.43
N ALA A 47 -9.03 -14.71 16.29
CA ALA A 47 -10.18 -13.81 16.32
C ALA A 47 -11.50 -14.53 16.50
N ASN A 48 -11.49 -15.85 16.32
CA ASN A 48 -12.71 -16.63 16.28
C ASN A 48 -12.65 -17.85 17.19
N PRO A 49 -13.76 -18.15 17.89
CA PRO A 49 -13.75 -19.33 18.78
C PRO A 49 -13.46 -20.63 18.03
N GLU A 50 -13.94 -20.75 16.81
CA GLU A 50 -13.71 -21.98 16.04
C GLU A 50 -12.22 -22.19 15.74
N ASP A 51 -11.49 -21.09 15.54
CA ASP A 51 -10.04 -21.15 15.32
C ASP A 51 -9.35 -21.56 16.62
N ALA A 52 -9.71 -20.90 17.72
CA ALA A 52 -9.09 -21.14 19.03
C ALA A 52 -9.26 -22.59 19.49
N LEU A 53 -10.45 -23.16 19.28
CA LEU A 53 -10.72 -24.54 19.72
C LEU A 53 -9.87 -25.57 18.99
N ARG A 54 -9.50 -25.28 17.75
CA ARG A 54 -8.61 -26.15 16.98
C ARG A 54 -7.16 -26.03 17.47
N HIS A 55 -6.83 -24.90 18.08
CA HIS A 55 -5.44 -24.58 18.43
C HIS A 55 -5.17 -24.52 19.93
N GLY A 56 -5.94 -25.24 20.72
CA GLY A 56 -5.60 -25.43 22.13
C GLY A 56 -6.65 -25.10 23.16
N GLY A 57 -7.71 -24.41 22.76
CA GLY A 57 -8.80 -24.12 23.67
C GLY A 57 -9.41 -22.74 23.52
N PRO A 58 -10.58 -22.52 24.14
CA PRO A 58 -11.35 -21.29 23.96
C PRO A 58 -10.64 -20.05 24.48
N GLN A 59 -9.71 -20.22 25.41
CA GLN A 59 -8.95 -19.10 25.98
C GLN A 59 -8.07 -18.43 24.93
N TYR A 60 -7.83 -19.11 23.81
CA TYR A 60 -6.99 -18.56 22.75
C TYR A 60 -7.75 -17.70 21.73
N CSO A 61 -9.04 -17.49 21.96
CA CSO A 61 -9.77 -16.46 21.20
CB CSO A 61 -11.26 -16.81 21.03
SG CSO A 61 -12.08 -15.60 19.95
C CSO A 61 -9.57 -15.20 22.02
O CSO A 61 -10.24 -14.97 23.03
OD CSO A 61 -13.00 -14.40 20.94
N ARG A 62 -8.60 -14.39 21.59
CA ARG A 62 -8.16 -13.24 22.39
C ARG A 62 -7.40 -12.27 21.51
N SER A 63 -7.33 -11.01 21.96
CA SER A 63 -6.54 -9.99 21.30
C SER A 63 -5.07 -10.12 21.70
N ASP A 64 -4.20 -9.56 20.86
CA ASP A 64 -2.77 -9.52 21.14
C ASP A 64 -2.22 -8.23 20.52
N PRO A 65 -1.32 -7.53 21.24
CA PRO A 65 -0.84 -6.24 20.72
C PRO A 65 -0.11 -6.36 19.38
N ASP A 66 0.65 -7.43 19.17
CA ASP A 66 1.36 -7.60 17.90
C ASP A 66 0.41 -7.93 16.74
N VAL A 67 -0.62 -8.73 17.01
CA VAL A 67 -1.66 -8.98 16.00
C VAL A 67 -2.36 -7.66 15.65
N GLU A 68 -2.71 -6.87 16.67
CA GLU A 68 -3.37 -5.59 16.43
C GLU A 68 -2.49 -4.65 15.60
N ARG A 69 -1.19 -4.66 15.87
CA ARG A 69 -0.22 -3.85 15.12
C ARG A 69 -0.18 -4.29 13.64
N CYS A 70 -0.14 -5.60 13.39
CA CYS A 70 -0.21 -6.13 12.02
C CYS A 70 -1.47 -5.65 11.31
N LEU A 71 -2.61 -5.73 12.00
CA LEU A 71 -3.88 -5.28 11.44
C LEU A 71 -3.86 -3.77 11.13
N ARG A 72 -3.23 -2.97 11.99
CA ARG A 72 -3.10 -1.53 11.72
C ARG A 72 -2.28 -1.26 10.48
N ALA A 73 -1.18 -1.99 10.31
CA ALA A 73 -0.35 -1.81 9.12
C ALA A 73 -1.14 -2.19 7.87
N HIS A 74 -1.87 -3.30 7.94
CA HIS A 74 -2.67 -3.76 6.81
C HIS A 74 -3.78 -2.75 6.50
N ARG A 75 -4.44 -2.24 7.53
CA ARG A 75 -5.47 -1.24 7.32
CA ARG A 75 -5.48 -1.21 7.35
C ARG A 75 -4.90 0.03 6.69
N ASN A 76 -3.74 0.49 7.19
CA ASN A 76 -3.12 1.67 6.62
C ASN A 76 -2.77 1.46 5.14
N ASP A 77 -2.27 0.27 4.81
CA ASP A 77 -2.09 -0.12 3.42
C ASP A 77 -3.39 0.04 2.61
N MET A 78 -4.51 -0.43 3.13
CA MET A 78 -5.78 -0.31 2.40
C MET A 78 -6.21 1.15 2.24
N GLU A 79 -5.86 1.99 3.22
CA GLU A 79 -6.16 3.42 3.17
C GLU A 79 -5.33 4.18 2.12
N THR A 80 -4.24 3.59 1.65
CA THR A 80 -3.28 4.32 0.82
C THR A 80 -2.94 3.64 -0.50
N ILE A 81 -2.66 2.34 -0.44
CA ILE A 81 -2.27 1.60 -1.65
C ILE A 81 -3.44 1.44 -2.62
N TYR A 82 -4.63 1.19 -2.09
CA TYR A 82 -5.81 1.07 -2.97
C TYR A 82 -6.06 2.37 -3.78
N PRO A 83 -6.04 3.56 -3.11
CA PRO A 83 -6.13 4.80 -3.91
C PRO A 83 -5.02 4.94 -4.96
N PHE A 84 -3.79 4.54 -4.64
CA PHE A 84 -2.69 4.56 -5.59
C PHE A 84 -2.96 3.69 -6.82
N LEU A 85 -3.56 2.52 -6.62
CA LEU A 85 -3.86 1.63 -7.74
C LEU A 85 -4.76 2.32 -8.74
N PHE A 86 -5.71 3.11 -8.24
CA PHE A 86 -6.58 3.88 -9.10
C PHE A 86 -5.87 5.09 -9.71
N LEU A 87 -5.28 5.93 -8.87
CA LEU A 87 -4.68 7.18 -9.34
C LEU A 87 -3.53 6.92 -10.31
N GLY A 88 -2.66 5.98 -9.97
CA GLY A 88 -1.50 5.68 -10.81
C GLY A 88 -1.90 5.10 -12.16
N PHE A 89 -2.95 4.29 -12.20
CA PHE A 89 -3.44 3.73 -13.45
C PHE A 89 -3.91 4.84 -14.40
N VAL A 90 -4.77 5.72 -13.88
CA VAL A 90 -5.29 6.84 -14.67
C VAL A 90 -4.16 7.77 -15.10
N TYR A 91 -3.28 8.11 -14.16
CA TYR A 91 -2.14 9.01 -14.40
C TYR A 91 -1.22 8.47 -15.50
N SER A 92 -1.07 7.16 -15.59
CA SER A 92 -0.25 6.53 -16.63
C SER A 92 -0.73 6.89 -18.04
N PHE A 93 -2.01 7.20 -18.18
CA PHE A 93 -2.61 7.51 -19.49
C PHE A 93 -2.76 9.00 -19.79
N LEU A 94 -2.21 9.84 -18.91
CA LEU A 94 -2.29 11.29 -19.11
C LEU A 94 -1.04 11.85 -19.81
N GLY A 95 -0.24 10.95 -20.38
CA GLY A 95 1.00 11.31 -21.06
C GLY A 95 2.00 12.08 -20.22
N PRO A 96 2.30 11.60 -19.00
CA PRO A 96 3.28 12.32 -18.19
C PRO A 96 4.69 12.05 -18.69
N ASN A 97 5.62 12.95 -18.37
CA ASN A 97 7.04 12.71 -18.62
C ASN A 97 7.43 11.36 -18.01
N PRO A 98 8.02 10.45 -18.81
CA PRO A 98 8.36 9.10 -18.36
C PRO A 98 9.17 9.06 -17.07
N PHE A 99 10.24 9.85 -16.99
CA PHE A 99 11.07 9.92 -15.79
C PHE A 99 10.30 10.46 -14.58
N VAL A 100 9.52 11.51 -14.79
CA VAL A 100 8.69 12.10 -13.74
C VAL A 100 7.68 11.06 -13.21
N ALA A 101 7.04 10.33 -14.12
CA ALA A 101 6.11 9.26 -13.72
C ALA A 101 6.81 8.18 -12.91
N TRP A 102 7.94 7.69 -13.41
N TRP A 102 7.95 7.69 -13.42
CA TRP A 102 8.75 6.70 -12.70
CA TRP A 102 8.81 6.76 -12.68
C TRP A 102 9.05 7.16 -11.27
C TRP A 102 9.04 7.22 -11.25
N MET A 103 9.41 8.45 -11.14
N MET A 103 9.43 8.49 -11.09
CA MET A 103 9.73 9.01 -9.83
CA MET A 103 9.74 9.03 -9.77
C MET A 103 8.52 8.97 -8.90
C MET A 103 8.52 9.03 -8.86
N HIS A 104 7.34 9.31 -9.43
CA HIS A 104 6.09 9.26 -8.63
C HIS A 104 5.87 7.85 -8.11
N PHE A 105 5.96 6.86 -9.00
CA PHE A 105 5.71 5.47 -8.62
C PHE A 105 6.77 4.94 -7.66
N LEU A 106 8.02 5.30 -7.88
CA LEU A 106 9.12 4.81 -7.05
C LEU A 106 9.09 5.40 -5.65
N VAL A 107 8.78 6.68 -5.54
CA VAL A 107 8.64 7.31 -4.22
C VAL A 107 7.50 6.62 -3.45
N PHE A 108 6.40 6.32 -4.12
CA PHE A 108 5.31 5.63 -3.44
C PHE A 108 5.72 4.22 -3.00
N LEU A 109 6.36 3.48 -3.90
CA LEU A 109 6.81 2.13 -3.58
C LEU A 109 7.77 2.10 -2.40
N VAL A 110 8.82 2.93 -2.46
CA VAL A 110 9.84 2.96 -1.42
C VAL A 110 9.24 3.44 -0.09
N GLY A 111 8.45 4.52 -0.15
CA GLY A 111 7.80 5.04 1.05
C GLY A 111 6.90 4.01 1.73
N ARG A 112 6.11 3.27 0.93
CA ARG A 112 5.20 2.27 1.50
C ARG A 112 5.91 1.04 2.06
N VAL A 113 6.94 0.55 1.35
CA VAL A 113 7.73 -0.55 1.90
C VAL A 113 8.38 -0.11 3.22
N ALA A 114 8.96 1.09 3.24
CA ALA A 114 9.54 1.65 4.45
C ALA A 114 8.50 1.81 5.57
N HIS A 115 7.28 2.21 5.20
CA HIS A 115 6.19 2.33 6.17
C HIS A 115 5.92 1.01 6.89
N THR A 116 5.80 -0.08 6.13
CA THR A 116 5.55 -1.38 6.74
C THR A 116 6.71 -1.83 7.63
N VAL A 117 7.94 -1.60 7.17
CA VAL A 117 9.12 -1.91 8.00
C VAL A 117 9.10 -1.09 9.31
N ALA A 118 8.82 0.20 9.20
CA ALA A 118 8.76 1.07 10.38
C ALA A 118 7.63 0.71 11.32
N TYR A 119 6.51 0.25 10.77
CA TYR A 119 5.34 -0.12 11.58
C TYR A 119 5.58 -1.45 12.29
N LEU A 120 5.82 -2.50 11.52
CA LEU A 120 6.00 -3.83 12.10
C LEU A 120 7.29 -3.94 12.91
N GLY A 121 8.30 -3.16 12.53
CA GLY A 121 9.58 -3.11 13.24
C GLY A 121 9.58 -2.25 14.49
N LYS A 122 8.48 -1.54 14.75
CA LYS A 122 8.33 -0.69 15.94
C LYS A 122 9.42 0.37 16.02
N LEU A 123 9.77 0.96 14.88
CA LEU A 123 10.82 1.98 14.86
C LEU A 123 10.35 3.26 15.53
N ARG A 124 11.31 4.00 16.09
CA ARG A 124 10.97 5.19 16.86
C ARG A 124 10.22 6.23 16.02
N ALA A 125 9.32 6.96 16.66
CA ALA A 125 8.66 8.08 16.02
C ALA A 125 9.67 9.21 15.77
N PRO A 126 9.50 9.99 14.70
CA PRO A 126 8.38 9.94 13.74
C PRO A 126 8.72 9.20 12.43
N ILE A 127 9.54 8.15 12.51
CA ILE A 127 9.99 7.48 11.28
C ILE A 127 8.81 6.99 10.43
N ARG A 128 7.88 6.25 11.04
CA ARG A 128 6.70 5.77 10.30
C ARG A 128 5.90 6.94 9.72
N SER A 129 5.65 7.97 10.52
CA SER A 129 4.88 9.14 10.07
C SER A 129 5.54 9.85 8.88
N VAL A 130 6.87 9.92 8.90
CA VAL A 130 7.61 10.51 7.79
C VAL A 130 7.48 9.66 6.52
N THR A 131 7.64 8.34 6.64
CA THR A 131 7.49 7.46 5.47
C THR A 131 6.08 7.57 4.87
N TYR A 132 5.07 7.67 5.74
CA TYR A 132 3.68 7.83 5.30
C TYR A 132 3.53 9.10 4.47
N THR A 133 4.03 10.21 5.02
CA THR A 133 3.92 11.52 4.40
C THR A 133 4.63 11.54 3.03
N LEU A 134 5.85 11.03 3.01
N LEU A 134 5.84 11.01 2.98
CA LEU A 134 6.63 10.93 1.77
CA LEU A 134 6.61 10.98 1.74
C LEU A 134 5.82 10.23 0.68
C LEU A 134 5.92 10.18 0.64
N ALA A 135 5.30 9.06 0.99
CA ALA A 135 4.54 8.27 0.02
C ALA A 135 3.26 8.98 -0.46
N GLN A 136 2.62 9.74 0.41
CA GLN A 136 1.41 10.44 0.00
C GLN A 136 1.66 11.59 -0.97
N LEU A 137 2.87 12.14 -0.96
CA LEU A 137 3.19 13.28 -1.85
C LEU A 137 2.91 13.01 -3.34
N PRO A 138 3.47 11.91 -3.90
CA PRO A 138 3.12 11.62 -5.30
C PRO A 138 1.65 11.32 -5.54
N CYS A 139 0.96 10.79 -4.52
CA CYS A 139 -0.48 10.56 -4.65
C CYS A 139 -1.24 11.87 -4.77
N ALA A 140 -0.90 12.86 -3.93
CA ALA A 140 -1.51 14.19 -4.03
C ALA A 140 -1.22 14.81 -5.39
N SER A 141 0.01 14.67 -5.86
CA SER A 141 0.43 15.19 -7.16
C SER A 141 -0.40 14.59 -8.30
N MET A 142 -0.52 13.26 -8.32
CA MET A 142 -1.30 12.60 -9.36
C MET A 142 -2.76 12.98 -9.29
N ALA A 143 -3.33 13.05 -8.08
CA ALA A 143 -4.73 13.41 -7.91
C ALA A 143 -5.02 14.78 -8.51
N LEU A 144 -4.18 15.77 -8.23
CA LEU A 144 -4.36 17.11 -8.78
C LEU A 144 -4.28 17.11 -10.30
N GLN A 145 -3.30 16.38 -10.85
CA GLN A 145 -3.16 16.31 -12.31
C GLN A 145 -4.38 15.70 -12.97
N ILE A 146 -4.91 14.64 -12.38
CA ILE A 146 -6.14 14.02 -12.88
C ILE A 146 -7.32 15.00 -12.82
N LEU A 147 -7.44 15.72 -11.71
CA LEU A 147 -8.50 16.72 -11.56
CA LEU A 147 -8.51 16.71 -11.55
C LEU A 147 -8.51 17.72 -12.70
N TRP A 148 -7.34 18.27 -13.01
CA TRP A 148 -7.24 19.28 -14.07
C TRP A 148 -7.59 18.70 -15.43
N GLU A 149 -7.06 17.51 -15.71
CA GLU A 149 -7.30 16.86 -17.00
CA GLU A 149 -7.29 16.87 -17.00
C GLU A 149 -8.76 16.48 -17.16
N ALA A 150 -9.36 15.91 -16.12
CA ALA A 150 -10.77 15.56 -16.16
C ALA A 150 -11.66 16.80 -16.29
N ALA A 151 -11.43 17.81 -15.46
CA ALA A 151 -12.23 19.04 -15.46
C ALA A 151 -12.21 19.74 -16.82
N ARG A 152 -11.06 19.77 -17.46
CA ARG A 152 -10.91 20.51 -18.72
C ARG A 152 -11.55 19.78 -19.92
N HIS A 153 -11.91 18.51 -19.71
CA HIS A 153 -12.58 17.72 -20.75
CA HIS A 153 -12.58 17.71 -20.74
C HIS A 153 -14.09 17.61 -20.53
N LEU A 154 -14.61 18.35 -19.56
CA LEU A 154 -16.05 18.34 -19.28
C LEU A 154 -16.84 19.13 -20.31
O1 6PW B . 1.87 11.34 15.12
C7 6PW B . -2.72 12.95 1.55
O2 6PW B . 3.33 13.85 15.36
C6 6PW B . -1.78 13.83 1.03
C1 6PW B . -1.62 12.98 3.69
N1 6PW B . -0.60 12.50 7.05
C5 6PW B . -0.76 14.27 1.80
C4 6PW B . 0.43 13.85 5.31
C3 6PW B . 0.39 14.28 4.02
C2 6PW B . -0.65 13.87 3.15
O 6PW B . -1.50 13.79 11.58
C17 6PW B . -0.95 12.73 11.35
N2 6PW B . -0.49 11.93 12.34
C18 6PW B . -0.41 12.38 13.73
C22 6PW B . -0.51 11.19 14.71
C21 6PW B . 0.78 10.44 14.88
C20 6PW B . 2.08 12.23 14.04
C23 6PW B . 3.39 12.93 14.28
C19 6PW B . 0.88 13.16 13.97
C14 6PW B . -0.72 12.22 9.95
C11 6PW B . 0.52 12.88 9.27
C13 6PW B . 0.42 14.41 9.19
C12 6PW B . 1.82 12.54 10.01
C10 6PW B . 0.63 12.33 7.84
C15 6PW B . -2.00 12.35 9.10
C16 6PW B . -1.77 11.86 7.65
C 6PW B . -0.58 12.97 5.75
C8 6PW B . -2.68 12.52 2.85
C9 6PW B . -3.72 11.57 3.41
N 6PW B . -1.57 12.56 4.99
N1 GSH C . -6.11 5.78 9.88
CA1 GSH C . -4.90 6.55 10.15
C1 GSH C . -4.62 6.62 11.63
O11 GSH C . -3.51 7.07 12.02
O12 GSH C . -5.47 6.22 12.45
CB1 GSH C . -5.05 7.96 9.53
CG1 GSH C . -3.80 8.85 9.62
CD1 GSH C . -2.56 8.13 9.15
OE1 GSH C . -2.62 7.30 8.08
N2 GSH C . -1.42 8.31 9.79
CA2 GSH C . -0.20 7.59 9.44
C2 GSH C . -0.13 6.24 10.10
O2 GSH C . 0.96 5.47 9.86
CB2 GSH C . 1.01 8.43 9.84
SG2 GSH C . 1.00 8.86 11.60
N3 GSH C . -1.09 5.84 10.92
CA3 GSH C . -1.04 4.58 11.62
C3 GSH C . -2.26 3.72 11.41
O31 GSH C . -3.06 3.98 10.46
O32 GSH C . -2.45 2.73 12.17
C1 BOG D . 1.66 19.32 -8.41
O1 BOG D . 1.53 18.44 -7.31
C2 BOG D . 1.72 18.53 -9.72
O2 BOG D . 2.86 17.66 -9.71
C3 BOG D . 1.79 19.47 -10.92
O3 BOG D . 1.69 18.72 -12.13
C4 BOG D . 0.71 20.54 -10.87
O4 BOG D . 0.95 21.52 -11.88
C5 BOG D . 0.67 21.21 -9.49
O5 BOG D . 0.55 20.22 -8.45
C6 BOG D . -0.48 22.21 -9.36
O6 BOG D . -1.74 21.52 -9.37
C1' BOG D . 2.01 19.01 -6.09
C2' BOG D . 1.71 18.08 -4.93
C3' BOG D . 1.28 18.87 -3.69
C4' BOG D . 1.43 18.03 -2.42
C5' BOG D . 0.36 18.39 -1.40
C6' BOG D . 0.76 17.95 0.00
C7' BOG D . 1.14 19.16 0.87
C8' BOG D . 0.16 19.33 2.01
C1 BOG E . 11.93 -6.68 13.79
O1 BOG E . 11.83 -6.20 12.45
C2 BOG E . 13.34 -6.39 14.32
O2 BOG E . 14.30 -7.16 13.58
C3 BOG E . 13.46 -6.72 15.81
O3 BOG E . 14.70 -6.18 16.31
C4 BOG E . 12.29 -6.15 16.62
O4 BOG E . 12.32 -6.73 17.93
C5 BOG E . 10.95 -6.44 15.96
O5 BOG E . 10.97 -6.01 14.60
C6 BOG E . 9.80 -5.73 16.66
O6 BOG E . 8.60 -5.98 15.93
C1' BOG E . 10.66 -6.71 11.81
C2' BOG E . 10.39 -5.91 10.55
C3' BOG E . 9.37 -6.65 9.68
C4' BOG E . 9.26 -6.00 8.31
C5' BOG E . 8.37 -6.84 7.40
C6' BOG E . 8.12 -6.13 6.08
C7' BOG E . 7.07 -6.87 5.27
C8' BOG E . 6.89 -6.23 3.90
O1 PG4 F . 6.25 18.21 -10.74
C1 PG4 F . 6.71 17.57 -9.54
C2 PG4 F . 5.95 18.13 -8.35
O2 PG4 F . 5.35 17.05 -7.62
C3 PG4 F . 5.52 17.20 -6.22
C4 PG4 F . 5.38 15.85 -5.53
O3 PG4 F . 6.36 14.95 -6.05
C5 PG4 F . 6.29 13.67 -5.43
C6 PG4 F . 7.46 12.80 -5.89
O4 PG4 F . 7.52 12.78 -7.31
C7 PG4 F . 8.79 13.22 -7.79
C8 PG4 F . 8.59 14.24 -8.90
O5 PG4 F . 9.86 14.70 -9.37
O1 PG4 G . 4.42 -6.82 14.99
C1 PG4 G . 4.78 -8.13 14.56
C2 PG4 G . 5.72 -8.00 13.36
O2 PG4 G . 6.38 -9.25 13.11
C3 PG4 G . 7.26 -9.17 12.00
C4 PG4 G . 8.12 -10.43 11.95
O3 PG4 G . 8.44 -10.75 10.59
#